data_6PHD
#
_entry.id   6PHD
#
_cell.length_a   156.545
_cell.length_b   156.545
_cell.length_c   85.667
_cell.angle_alpha   90.00
_cell.angle_beta   90.00
_cell.angle_gamma   90.00
#
_symmetry.space_group_name_H-M   'P 41 21 2'
#
loop_
_entity.id
_entity.type
_entity.pdbx_description
1 polymer '2586 Antibody Fab, Heavy Chain'
2 polymer '2586 Antibody Fab, Light Chain'
3 polymer '25 kDa ookinete surface antigen'
#
loop_
_entity_poly.entity_id
_entity_poly.type
_entity_poly.pdbx_seq_one_letter_code
_entity_poly.pdbx_strand_id
1 'polypeptide(L)'
;EVHLVESGGGLVQPGGSLRLSCAASGFTFSDHYMDWVRQAPGKGLEWVGRIRNKANSYTTDYAASVKGRFTILRDDSKNS
LYLQMNSLKTEDAAVYYCVRVGGLGERGDYYYYYMDVWGKGTTVTVSSASTKGPSVFPLAPSSKSTSGGTAALGCLVKDY
FPEPVTVSWNSGALTSGVHTFPAVLQSSGLYSLSSVVTVPSSSLGTQTYICNVNHKPSNTKVDKKVEPKSC
;
H
2 'polypeptide(L)'
;SYELTQPPSVSFSPGQTARITCSGDALSKQYTYWYQQKPGQAPVLVIYKDSERPSGIPERFSGSSSGTTVTLTISGVQAE
DEADYYCQSADSSGPYQVLFGGGTKLTVLGQPKAAPSVTLFPPSSEELQANKATLVCLISDFYPGAVTVAWKADSSPVKA
GVETTTPSKQSNNKYAASSYLSLTPEQWKSHRSYSCQVTHEGSTVEKTVAPTECS
;
L
3 'polypeptide(L)'
;ETGAKVTVDTVCKRGFLIQMSGHLECKCENDLVLVNEETCEEKVLKCDEKTVNKPCGDFSKCIKIDGNPVSYACKCNLGY
DMVNNVCIPNECKQVTCGNGKCILDTSNPVKTGVCSCNIGKVPNVQDQNKCSKDGETKCSLKCLKEQETCKAVDGIYKCD
CKDGFIIDQESSICTGTKHHHHHH
;
C
#
# COMPACT_ATOMS: atom_id res chain seq x y z
N GLU A 1 -14.62 -8.09 19.75
CA GLU A 1 -13.21 -8.05 19.38
C GLU A 1 -12.94 -8.97 18.20
N VAL A 2 -12.08 -8.52 17.28
CA VAL A 2 -11.79 -9.22 16.04
C VAL A 2 -10.39 -9.81 16.13
N HIS A 3 -10.22 -11.03 15.61
CA HIS A 3 -8.93 -11.70 15.59
C HIS A 3 -8.73 -12.37 14.24
N LEU A 4 -7.52 -12.21 13.69
CA LEU A 4 -7.10 -12.87 12.45
C LEU A 4 -5.76 -13.55 12.73
N VAL A 5 -5.79 -14.87 12.88
CA VAL A 5 -4.62 -15.65 13.27
C VAL A 5 -4.10 -16.37 12.04
N GLU A 6 -2.91 -16.01 11.59
CA GLU A 6 -2.29 -16.68 10.46
C GLU A 6 -1.56 -17.95 10.91
N SER A 7 -1.37 -18.86 9.97
CA SER A 7 -0.68 -20.12 10.24
C SER A 7 -0.17 -20.68 8.92
N GLY A 8 0.84 -21.55 9.04
CA GLY A 8 1.38 -22.25 7.89
C GLY A 8 2.71 -21.73 7.37
N GLY A 9 3.26 -20.67 7.96
CA GLY A 9 4.52 -20.15 7.51
C GLY A 9 5.68 -21.05 7.87
N GLY A 10 6.77 -20.91 7.11
CA GLY A 10 7.94 -21.71 7.36
C GLY A 10 8.94 -21.57 6.22
N LEU A 11 9.96 -22.42 6.26
CA LEU A 11 11.03 -22.43 5.27
C LEU A 11 10.72 -23.47 4.19
N VAL A 12 10.81 -23.05 2.93
CA VAL A 12 10.62 -23.93 1.79
C VAL A 12 11.65 -23.57 0.73
N GLN A 13 12.10 -24.59 -0.01
CA GLN A 13 13.08 -24.35 -1.06
C GLN A 13 12.43 -23.66 -2.25
N PRO A 14 13.23 -22.96 -3.06
CA PRO A 14 12.69 -22.35 -4.28
C PRO A 14 12.06 -23.40 -5.20
N GLY A 15 10.94 -23.03 -5.82
CA GLY A 15 10.18 -23.92 -6.67
C GLY A 15 9.16 -24.76 -5.94
N GLY A 16 9.25 -24.87 -4.61
CA GLY A 16 8.31 -25.66 -3.84
C GLY A 16 7.01 -24.94 -3.59
N SER A 17 6.08 -25.67 -2.99
CA SER A 17 4.76 -25.16 -2.68
C SER A 17 4.58 -24.99 -1.18
N LEU A 18 3.59 -24.19 -0.81
CA LEU A 18 3.26 -23.95 0.60
C LEU A 18 1.87 -23.36 0.68
N ARG A 19 1.14 -23.73 1.73
CA ARG A 19 -0.23 -23.29 1.94
C ARG A 19 -0.35 -22.57 3.27
N LEU A 20 -0.91 -21.37 3.25
CA LEU A 20 -1.16 -20.60 4.45
C LEU A 20 -2.62 -20.74 4.87
N SER A 21 -2.90 -20.34 6.10
CA SER A 21 -4.25 -20.40 6.64
C SER A 21 -4.47 -19.20 7.57
N CYS A 22 -5.73 -18.86 7.78
CA CYS A 22 -6.09 -17.71 8.61
C CYS A 22 -7.42 -18.02 9.30
N ALA A 23 -7.39 -18.13 10.62
CA ALA A 23 -8.59 -18.39 11.41
C ALA A 23 -9.18 -17.05 11.86
N ALA A 24 -10.38 -16.75 11.39
CA ALA A 24 -11.06 -15.50 11.73
C ALA A 24 -12.06 -15.73 12.85
N SER A 25 -12.28 -14.68 13.64
CA SER A 25 -13.20 -14.76 14.77
C SER A 25 -13.59 -13.35 15.18
N GLY A 26 -14.82 -13.22 15.67
CA GLY A 26 -15.33 -11.95 16.15
C GLY A 26 -16.17 -11.16 15.17
N PHE A 27 -16.52 -11.74 14.02
CA PHE A 27 -17.33 -11.05 13.03
C PHE A 27 -17.91 -12.08 12.08
N THR A 28 -18.90 -11.65 11.30
CA THR A 28 -19.50 -12.49 10.26
C THR A 28 -18.50 -12.64 9.12
N PHE A 29 -17.83 -13.78 9.07
CA PHE A 29 -16.75 -13.97 8.10
C PHE A 29 -17.28 -14.01 6.67
N SER A 30 -18.43 -14.65 6.46
CA SER A 30 -18.97 -14.80 5.11
C SER A 30 -19.44 -13.48 4.50
N ASP A 31 -19.53 -12.41 5.29
CA ASP A 31 -19.99 -11.13 4.74
C ASP A 31 -18.86 -10.33 4.11
N HIS A 32 -17.63 -10.54 4.54
CA HIS A 32 -16.52 -9.66 4.18
C HIS A 32 -15.67 -10.24 3.05
N TYR A 33 -15.02 -9.34 2.32
CA TYR A 33 -13.90 -9.74 1.48
C TYR A 33 -12.69 -10.05 2.37
N MET A 34 -11.79 -10.87 1.85
CA MET A 34 -10.55 -11.19 2.54
C MET A 34 -9.38 -11.02 1.59
N ASP A 35 -8.32 -10.37 2.08
CA ASP A 35 -7.14 -10.08 1.27
C ASP A 35 -5.90 -10.67 1.91
N TRP A 36 -4.87 -10.82 1.09
CA TRP A 36 -3.53 -11.18 1.55
C TRP A 36 -2.57 -10.06 1.19
N VAL A 37 -1.83 -9.58 2.19
CA VAL A 37 -0.83 -8.54 2.00
C VAL A 37 0.48 -9.03 2.60
N ARG A 38 1.55 -8.97 1.81
CA ARG A 38 2.87 -9.42 2.26
C ARG A 38 3.81 -8.22 2.38
N GLN A 39 4.94 -8.47 3.04
CA GLN A 39 5.92 -7.41 3.29
C GLN A 39 7.29 -8.04 3.45
N ALA A 40 8.19 -7.78 2.52
CA ALA A 40 9.53 -8.34 2.57
C ALA A 40 10.28 -7.75 3.77
N PRO A 41 11.29 -8.48 4.29
CA PRO A 41 12.06 -7.95 5.43
C PRO A 41 12.72 -6.61 5.13
N GLY A 42 12.20 -5.55 5.74
CA GLY A 42 12.76 -4.23 5.56
C GLY A 42 12.28 -3.48 4.33
N LYS A 43 11.17 -3.90 3.73
CA LYS A 43 10.64 -3.26 2.54
C LYS A 43 9.16 -2.93 2.76
N GLY A 44 8.54 -2.34 1.74
CA GLY A 44 7.19 -1.84 1.86
C GLY A 44 6.12 -2.90 1.74
N LEU A 45 4.88 -2.47 1.88
CA LEU A 45 3.74 -3.36 1.75
C LEU A 45 3.47 -3.69 0.29
N GLU A 46 3.14 -4.95 0.02
CA GLU A 46 2.80 -5.40 -1.32
C GLU A 46 1.52 -6.23 -1.26
N TRP A 47 0.57 -5.91 -2.14
CA TRP A 47 -0.70 -6.60 -2.16
C TRP A 47 -0.58 -7.91 -2.95
N VAL A 48 -1.16 -8.97 -2.41
CA VAL A 48 -1.12 -10.28 -3.04
C VAL A 48 -2.40 -10.51 -3.84
N GLY A 49 -3.51 -10.64 -3.15
CA GLY A 49 -4.76 -10.91 -3.85
C GLY A 49 -5.96 -10.66 -2.95
N ARG A 50 -7.13 -10.97 -3.49
CA ARG A 50 -8.39 -10.74 -2.81
C ARG A 50 -9.39 -11.81 -3.22
N ILE A 51 -10.16 -12.30 -2.25
CA ILE A 51 -11.28 -13.20 -2.50
C ILE A 51 -12.54 -12.52 -1.97
N ARG A 52 -13.65 -12.71 -2.68
CA ARG A 52 -14.89 -12.00 -2.39
C ARG A 52 -15.91 -12.92 -1.74
N ASN A 53 -17.00 -12.32 -1.27
CA ASN A 53 -18.02 -13.04 -0.53
C ASN A 53 -18.98 -13.75 -1.49
N LYS A 54 -19.97 -14.44 -0.91
CA LYS A 54 -20.98 -15.12 -1.72
C LYS A 54 -21.78 -14.14 -2.56
N ALA A 55 -22.00 -12.93 -2.04
CA ALA A 55 -22.76 -11.92 -2.78
C ALA A 55 -22.05 -11.51 -4.07
N ASN A 56 -20.76 -11.75 -4.18
CA ASN A 56 -19.99 -11.42 -5.37
C ASN A 56 -19.36 -12.66 -6.01
N SER A 57 -20.00 -13.82 -5.83
CA SER A 57 -19.69 -15.05 -6.54
C SER A 57 -18.28 -15.56 -6.22
N TYR A 58 -17.76 -15.22 -5.04
CA TYR A 58 -16.47 -15.71 -4.56
C TYR A 58 -15.34 -15.47 -5.58
N THR A 59 -15.45 -14.39 -6.35
CA THR A 59 -14.46 -14.13 -7.39
C THR A 59 -13.14 -13.66 -6.76
N THR A 60 -12.07 -13.78 -7.54
CA THR A 60 -10.73 -13.50 -7.06
C THR A 60 -10.05 -12.48 -7.97
N ASP A 61 -8.95 -11.92 -7.46
CA ASP A 61 -8.10 -10.98 -8.19
C ASP A 61 -6.75 -10.94 -7.48
N TYR A 62 -5.68 -10.93 -8.26
CA TYR A 62 -4.33 -11.00 -7.72
C TYR A 62 -3.48 -9.89 -8.32
N ALA A 63 -2.27 -9.74 -7.77
CA ALA A 63 -1.27 -8.85 -8.33
C ALA A 63 -0.48 -9.57 -9.41
N ALA A 64 0.14 -8.77 -10.29
CA ALA A 64 0.86 -9.35 -11.42
C ALA A 64 2.08 -10.14 -10.98
N SER A 65 2.67 -9.81 -9.83
CA SER A 65 3.88 -10.48 -9.38
C SER A 65 3.62 -11.90 -8.90
N VAL A 66 2.39 -12.21 -8.51
CA VAL A 66 2.04 -13.53 -8.00
C VAL A 66 0.94 -14.20 -8.84
N LYS A 67 0.59 -13.60 -9.97
CA LYS A 67 -0.46 -14.16 -10.81
C LYS A 67 -0.08 -15.55 -11.31
N GLY A 68 -1.05 -16.47 -11.25
CA GLY A 68 -0.86 -17.80 -11.81
C GLY A 68 -0.23 -18.77 -10.83
N ARG A 69 0.61 -18.24 -9.94
CA ARG A 69 1.30 -19.04 -8.94
C ARG A 69 0.55 -19.12 -7.62
N PHE A 70 0.00 -18.01 -7.15
CA PHE A 70 -0.74 -17.99 -5.90
C PHE A 70 -2.23 -18.18 -6.16
N THR A 71 -2.92 -18.77 -5.18
CA THR A 71 -4.36 -18.98 -5.28
C THR A 71 -4.96 -18.81 -3.89
N ILE A 72 -6.01 -18.00 -3.80
CA ILE A 72 -6.64 -17.68 -2.53
C ILE A 72 -7.94 -18.49 -2.42
N LEU A 73 -8.11 -19.17 -1.28
CA LEU A 73 -9.29 -19.98 -1.03
C LEU A 73 -9.88 -19.58 0.32
N ARG A 74 -11.16 -19.93 0.51
CA ARG A 74 -11.83 -19.62 1.76
C ARG A 74 -12.84 -20.72 2.08
N ASP A 75 -13.11 -20.89 3.37
CA ASP A 75 -14.09 -21.85 3.87
C ASP A 75 -14.98 -21.10 4.86
N ASP A 76 -16.10 -20.58 4.36
CA ASP A 76 -16.99 -19.78 5.21
C ASP A 76 -17.58 -20.62 6.34
N SER A 77 -17.74 -21.93 6.13
CA SER A 77 -18.26 -22.78 7.18
C SER A 77 -17.25 -23.02 8.29
N LYS A 78 -15.97 -22.74 8.05
CA LYS A 78 -14.94 -22.86 9.07
C LYS A 78 -14.29 -21.53 9.43
N ASN A 79 -14.75 -20.42 8.85
CA ASN A 79 -14.20 -19.10 9.11
C ASN A 79 -12.69 -19.07 8.86
N SER A 80 -12.29 -19.60 7.71
CA SER A 80 -10.89 -19.78 7.39
C SER A 80 -10.58 -19.19 6.03
N LEU A 81 -9.40 -18.58 5.91
CA LEU A 81 -8.87 -18.06 4.65
C LEU A 81 -7.54 -18.76 4.35
N TYR A 82 -7.35 -19.12 3.08
CA TYR A 82 -6.17 -19.87 2.67
C TYR A 82 -5.44 -19.16 1.54
N LEU A 83 -4.17 -19.51 1.38
CA LEU A 83 -3.32 -18.98 0.32
C LEU A 83 -2.43 -20.11 -0.18
N GLN A 84 -2.78 -20.68 -1.33
CA GLN A 84 -2.00 -21.74 -1.93
C GLN A 84 -0.88 -21.13 -2.76
N MET A 85 0.35 -21.26 -2.28
CA MET A 85 1.51 -20.68 -2.95
C MET A 85 2.25 -21.79 -3.70
N ASN A 86 2.47 -21.58 -5.00
CA ASN A 86 3.14 -22.55 -5.85
C ASN A 86 4.28 -21.88 -6.60
N SER A 87 5.29 -22.68 -6.95
CA SER A 87 6.47 -22.20 -7.67
C SER A 87 7.10 -21.00 -6.98
N LEU A 88 7.42 -21.18 -5.70
CA LEU A 88 7.88 -20.07 -4.88
C LEU A 88 9.27 -19.62 -5.29
N LYS A 89 9.43 -18.32 -5.46
CA LYS A 89 10.72 -17.69 -5.74
C LYS A 89 11.27 -17.08 -4.46
N THR A 90 12.57 -16.76 -4.50
CA THR A 90 13.18 -16.07 -3.36
C THR A 90 12.56 -14.69 -3.13
N GLU A 91 11.98 -14.10 -4.17
CA GLU A 91 11.30 -12.81 -4.00
C GLU A 91 10.00 -12.95 -3.23
N ASP A 92 9.47 -14.17 -3.09
CA ASP A 92 8.23 -14.40 -2.36
C ASP A 92 8.43 -14.47 -0.85
N ALA A 93 9.67 -14.63 -0.38
CA ALA A 93 9.95 -14.69 1.05
C ALA A 93 9.60 -13.37 1.72
N ALA A 94 8.57 -13.39 2.57
CA ALA A 94 8.08 -12.20 3.24
C ALA A 94 7.15 -12.61 4.38
N VAL A 95 6.68 -11.63 5.12
CA VAL A 95 5.66 -11.85 6.15
C VAL A 95 4.30 -11.57 5.53
N TYR A 96 3.43 -12.58 5.55
CA TYR A 96 2.12 -12.50 4.90
C TYR A 96 1.05 -12.19 5.93
N TYR A 97 0.27 -11.14 5.66
CA TYR A 97 -0.75 -10.65 6.58
C TYR A 97 -2.14 -11.05 6.09
N CYS A 98 -2.96 -11.54 7.01
CA CYS A 98 -4.36 -11.83 6.75
C CYS A 98 -5.16 -10.56 7.04
N VAL A 99 -5.93 -10.10 6.05
CA VAL A 99 -6.55 -8.78 6.10
C VAL A 99 -8.04 -8.91 5.80
N ARG A 100 -8.85 -8.22 6.60
CA ARG A 100 -10.29 -8.10 6.36
C ARG A 100 -10.58 -6.79 5.65
N VAL A 101 -11.48 -6.84 4.67
CA VAL A 101 -11.86 -5.66 3.89
C VAL A 101 -13.15 -5.11 4.47
N GLY A 102 -13.14 -3.83 4.83
CA GLY A 102 -14.30 -3.16 5.37
C GLY A 102 -14.92 -2.19 4.38
N GLY A 103 -16.03 -1.61 4.80
CA GLY A 103 -16.76 -0.64 4.01
C GLY A 103 -17.92 -1.18 3.22
N LEU A 104 -18.52 -2.30 3.64
CA LEU A 104 -19.65 -2.87 2.93
C LEU A 104 -20.96 -2.28 3.42
N GLY A 105 -21.99 -2.40 2.60
CA GLY A 105 -23.31 -1.95 2.92
C GLY A 105 -24.23 -3.08 3.36
N GLU A 106 -25.53 -2.82 3.26
CA GLU A 106 -26.54 -3.79 3.65
C GLU A 106 -26.88 -4.78 2.54
N ARG A 107 -26.18 -4.71 1.41
CA ARG A 107 -26.50 -5.52 0.23
C ARG A 107 -25.53 -6.65 -0.01
N GLY A 108 -24.51 -6.81 0.84
CA GLY A 108 -23.41 -7.70 0.55
C GLY A 108 -22.34 -7.11 -0.33
N ASP A 109 -22.67 -6.08 -1.11
CA ASP A 109 -21.69 -5.32 -1.88
C ASP A 109 -21.10 -4.21 -1.01
N TYR A 110 -19.99 -3.65 -1.48
CA TYR A 110 -19.29 -2.60 -0.77
C TYR A 110 -19.55 -1.24 -1.41
N TYR A 111 -19.51 -0.20 -0.57
CA TYR A 111 -19.41 1.17 -1.06
C TYR A 111 -17.97 1.61 -1.19
N TYR A 112 -17.12 1.21 -0.25
CA TYR A 112 -15.69 1.50 -0.27
C TYR A 112 -14.92 0.21 -0.03
N TYR A 113 -13.63 0.24 -0.38
CA TYR A 113 -12.77 -0.94 -0.27
C TYR A 113 -11.49 -0.54 0.47
N TYR A 114 -11.49 -0.73 1.78
CA TYR A 114 -10.32 -0.47 2.61
C TYR A 114 -10.04 -1.68 3.50
N MET A 115 -8.92 -1.63 4.20
CA MET A 115 -8.41 -2.74 5.00
C MET A 115 -8.44 -2.33 6.47
N ASP A 116 -9.52 -2.67 7.15
CA ASP A 116 -9.75 -2.19 8.50
C ASP A 116 -9.10 -3.04 9.59
N VAL A 117 -8.99 -4.35 9.37
CA VAL A 117 -8.45 -5.26 10.38
C VAL A 117 -7.29 -6.05 9.76
N TRP A 118 -6.14 -6.02 10.42
CA TRP A 118 -4.97 -6.76 10.01
C TRP A 118 -4.63 -7.81 11.06
N GLY A 119 -3.90 -8.85 10.62
CA GLY A 119 -3.47 -9.90 11.51
C GLY A 119 -2.01 -9.73 11.93
N LYS A 120 -1.60 -10.58 12.87
CA LYS A 120 -0.22 -10.54 13.34
C LYS A 120 0.76 -10.99 12.26
N GLY A 121 0.32 -11.84 11.34
CA GLY A 121 1.13 -12.28 10.23
C GLY A 121 1.88 -13.57 10.52
N THR A 122 2.30 -14.23 9.43
CA THR A 122 3.11 -15.43 9.50
C THR A 122 4.28 -15.28 8.53
N THR A 123 5.45 -15.76 8.94
CA THR A 123 6.68 -15.55 8.20
C THR A 123 6.95 -16.73 7.27
N VAL A 124 7.26 -16.42 6.01
CA VAL A 124 7.57 -17.42 5.00
C VAL A 124 8.98 -17.15 4.49
N THR A 125 9.85 -18.15 4.58
CA THR A 125 11.22 -18.05 4.11
C THR A 125 11.41 -18.95 2.90
N VAL A 126 12.12 -18.45 1.89
CA VAL A 126 12.39 -19.19 0.66
C VAL A 126 13.88 -19.09 0.39
N SER A 127 14.61 -20.17 0.66
CA SER A 127 16.02 -20.25 0.34
C SER A 127 16.44 -21.71 0.32
N SER A 128 17.39 -22.03 -0.55
CA SER A 128 17.96 -23.37 -0.65
C SER A 128 19.27 -23.49 0.11
N ALA A 129 19.53 -22.58 1.05
CA ALA A 129 20.80 -22.55 1.74
C ALA A 129 20.82 -23.52 2.92
N SER A 130 22.01 -24.04 3.21
CA SER A 130 22.23 -24.89 4.37
C SER A 130 23.37 -24.35 5.22
N THR A 131 23.79 -25.10 6.23
CA THR A 131 24.85 -24.63 7.12
C THR A 131 26.15 -24.46 6.36
N LYS A 132 26.78 -23.29 6.51
CA LYS A 132 28.02 -22.98 5.82
C LYS A 132 28.80 -21.95 6.62
N GLY A 133 30.11 -22.19 6.73
CA GLY A 133 31.00 -21.27 7.40
C GLY A 133 31.40 -20.11 6.50
N PRO A 134 31.78 -18.99 7.10
CA PRO A 134 32.11 -17.81 6.32
C PRO A 134 33.53 -17.84 5.76
N SER A 135 33.74 -17.01 4.75
CA SER A 135 35.06 -16.76 4.17
C SER A 135 35.49 -15.37 4.58
N VAL A 136 36.46 -15.29 5.49
CA VAL A 136 36.88 -14.01 6.07
C VAL A 136 37.93 -13.37 5.16
N PHE A 137 37.69 -12.12 4.77
CA PHE A 137 38.62 -11.35 3.97
C PHE A 137 39.02 -10.07 4.69
N PRO A 138 40.28 -9.65 4.57
CA PRO A 138 40.72 -8.44 5.27
C PRO A 138 40.33 -7.17 4.53
N LEU A 139 40.18 -6.09 5.30
CA LEU A 139 39.87 -4.77 4.77
C LEU A 139 41.05 -3.85 5.14
N ALA A 140 41.93 -3.61 4.17
CA ALA A 140 43.14 -2.86 4.44
C ALA A 140 42.84 -1.38 4.64
N PRO A 141 43.67 -0.66 5.42
CA PRO A 141 43.53 0.78 5.60
C PRO A 141 44.27 1.56 4.53
N SER A 147 42.30 12.48 5.89
CA SER A 147 42.44 13.56 6.85
C SER A 147 41.87 13.14 8.21
N GLY A 148 42.10 14.00 9.22
CA GLY A 148 41.63 13.72 10.56
C GLY A 148 42.57 12.89 11.41
N GLY A 149 43.65 12.37 10.83
CA GLY A 149 44.62 11.60 11.59
C GLY A 149 44.18 10.21 11.98
N THR A 150 43.08 9.71 11.42
CA THR A 150 42.56 8.39 11.76
C THR A 150 42.31 7.59 10.49
N ALA A 151 42.47 6.28 10.60
CA ALA A 151 42.23 5.35 9.51
C ALA A 151 41.24 4.28 9.96
N ALA A 152 40.85 3.40 9.04
CA ALA A 152 39.87 2.37 9.32
C ALA A 152 40.27 1.07 8.63
N LEU A 153 40.29 -0.01 9.40
CA LEU A 153 40.53 -1.35 8.89
C LEU A 153 39.45 -2.28 9.44
N GLY A 154 39.22 -3.39 8.73
CA GLY A 154 38.16 -4.27 9.15
C GLY A 154 38.31 -5.68 8.60
N CYS A 155 37.30 -6.50 8.89
CA CYS A 155 37.23 -7.88 8.43
C CYS A 155 35.88 -8.11 7.77
N LEU A 156 35.89 -8.75 6.61
CA LEU A 156 34.69 -9.04 5.84
C LEU A 156 34.27 -10.47 6.09
N VAL A 157 33.20 -10.65 6.87
CA VAL A 157 32.62 -11.98 7.11
C VAL A 157 31.61 -12.23 6.00
N LYS A 158 31.96 -13.11 5.07
CA LYS A 158 31.26 -13.22 3.79
C LYS A 158 30.67 -14.61 3.63
N ASP A 159 29.41 -14.67 3.20
CA ASP A 159 28.72 -15.90 2.83
C ASP A 159 28.73 -16.94 3.95
N TYR A 160 27.81 -16.80 4.91
CA TYR A 160 27.66 -17.79 5.96
C TYR A 160 26.18 -18.02 6.24
N PHE A 161 25.89 -19.18 6.83
CA PHE A 161 24.52 -19.53 7.18
C PHE A 161 24.52 -20.61 8.26
N PRO A 162 23.67 -20.50 9.29
CA PRO A 162 22.81 -19.34 9.51
C PRO A 162 23.42 -18.31 10.46
N GLU A 163 22.57 -17.48 11.05
CA GLU A 163 22.98 -16.53 12.05
C GLU A 163 23.17 -17.23 13.40
N PRO A 164 24.00 -16.66 14.29
CA PRO A 164 24.85 -15.49 14.08
C PRO A 164 26.34 -15.82 14.02
N VAL A 165 27.16 -14.78 13.81
CA VAL A 165 28.60 -14.88 13.96
C VAL A 165 29.03 -13.88 15.02
N THR A 166 30.16 -14.17 15.66
CA THR A 166 30.76 -13.30 16.66
C THR A 166 32.16 -12.92 16.21
N VAL A 167 32.44 -11.62 16.19
CA VAL A 167 33.73 -11.09 15.74
C VAL A 167 34.37 -10.36 16.89
N SER A 168 35.58 -10.80 17.27
CA SER A 168 36.39 -10.11 18.27
C SER A 168 37.70 -9.68 17.63
N TRP A 169 38.32 -8.66 18.23
CA TRP A 169 39.56 -8.10 17.72
C TRP A 169 40.67 -8.27 18.77
N ASN A 170 41.80 -8.81 18.33
CA ASN A 170 42.94 -9.09 19.20
C ASN A 170 42.52 -9.97 20.38
N SER A 171 41.69 -10.98 20.09
CA SER A 171 41.20 -11.92 21.09
C SER A 171 40.49 -11.19 22.24
N GLY A 172 39.75 -10.14 21.91
CA GLY A 172 39.01 -9.39 22.89
C GLY A 172 39.77 -8.28 23.57
N ALA A 173 41.07 -8.13 23.28
CA ALA A 173 41.85 -7.06 23.91
C ALA A 173 41.50 -5.71 23.32
N LEU A 174 41.23 -5.65 22.03
CA LEU A 174 40.87 -4.41 21.34
C LEU A 174 39.36 -4.33 21.25
N THR A 175 38.78 -3.34 21.95
CA THR A 175 37.33 -3.18 21.97
C THR A 175 36.94 -1.75 21.61
N SER A 176 37.77 -0.78 21.99
CA SER A 176 37.46 0.61 21.73
C SER A 176 37.60 0.92 20.25
N GLY A 177 36.60 1.59 19.69
CA GLY A 177 36.60 1.94 18.28
C GLY A 177 36.13 0.84 17.35
N VAL A 178 35.64 -0.28 17.88
CA VAL A 178 35.18 -1.40 17.08
C VAL A 178 33.69 -1.23 16.79
N HIS A 179 33.30 -1.45 15.54
CA HIS A 179 31.89 -1.37 15.15
C HIS A 179 31.61 -2.53 14.19
N THR A 180 30.92 -3.55 14.70
CA THR A 180 30.52 -4.70 13.90
C THR A 180 29.11 -4.44 13.37
N PHE A 181 29.00 -4.25 12.05
CA PHE A 181 27.73 -3.91 11.44
C PHE A 181 26.84 -5.13 11.33
N PRO A 182 25.51 -4.94 11.40
CA PRO A 182 24.59 -6.07 11.22
C PRO A 182 24.71 -6.68 9.84
N ALA A 183 24.33 -7.95 9.75
CA ALA A 183 24.52 -8.72 8.54
C ALA A 183 23.49 -8.34 7.47
N VAL A 184 23.83 -8.65 6.23
CA VAL A 184 22.93 -8.50 5.10
C VAL A 184 22.53 -9.90 4.62
N LEU A 185 21.29 -10.03 4.17
CA LEU A 185 20.77 -11.30 3.67
C LEU A 185 20.77 -11.25 2.15
N GLN A 186 21.74 -11.94 1.55
CA GLN A 186 21.84 -11.97 0.10
C GLN A 186 20.69 -12.76 -0.52
N SER A 187 20.53 -12.58 -1.84
CA SER A 187 19.47 -13.29 -2.56
C SER A 187 19.70 -14.80 -2.56
N SER A 188 20.94 -15.25 -2.35
CA SER A 188 21.22 -16.67 -2.30
C SER A 188 20.78 -17.31 -0.98
N GLY A 189 20.51 -16.50 0.05
CA GLY A 189 20.16 -17.00 1.36
C GLY A 189 21.27 -16.94 2.38
N LEU A 190 22.49 -16.60 1.95
CA LEU A 190 23.63 -16.53 2.86
C LEU A 190 23.76 -15.13 3.44
N TYR A 191 24.31 -15.06 4.65
CA TYR A 191 24.52 -13.80 5.34
C TYR A 191 25.94 -13.29 5.12
N SER A 192 26.12 -11.99 5.30
CA SER A 192 27.43 -11.36 5.18
C SER A 192 27.43 -10.06 5.97
N LEU A 193 28.48 -9.85 6.77
CA LEU A 193 28.62 -8.62 7.53
C LEU A 193 30.08 -8.19 7.53
N SER A 194 30.33 -7.00 8.08
CA SER A 194 31.67 -6.46 8.20
C SER A 194 31.86 -5.89 9.61
N SER A 195 33.09 -5.91 10.08
CA SER A 195 33.45 -5.39 11.40
C SER A 195 34.72 -4.57 11.25
N VAL A 196 34.60 -3.26 11.44
CA VAL A 196 35.72 -2.35 11.27
C VAL A 196 36.12 -1.76 12.63
N VAL A 197 37.35 -1.25 12.68
CA VAL A 197 37.88 -0.60 13.87
C VAL A 197 38.63 0.65 13.42
N THR A 198 38.34 1.78 14.07
CA THR A 198 38.99 3.04 13.76
C THR A 198 40.25 3.17 14.61
N VAL A 199 41.40 3.29 13.97
CA VAL A 199 42.68 3.31 14.67
C VAL A 199 43.45 4.55 14.24
N PRO A 200 44.38 5.01 15.08
CA PRO A 200 45.27 6.09 14.65
C PRO A 200 46.13 5.67 13.47
N SER A 201 46.43 6.63 12.60
CA SER A 201 47.15 6.33 11.38
C SER A 201 48.59 5.90 11.64
N SER A 202 49.22 6.46 12.68
CA SER A 202 50.63 6.17 12.93
C SER A 202 50.83 4.75 13.44
N SER A 203 49.83 4.17 14.10
CA SER A 203 49.96 2.85 14.70
C SER A 203 49.79 1.71 13.71
N LEU A 204 49.63 2.00 12.42
CA LEU A 204 49.42 0.95 11.44
C LEU A 204 50.66 0.10 11.26
N GLY A 205 51.84 0.72 11.30
CA GLY A 205 53.08 0.00 11.12
C GLY A 205 53.65 -0.66 12.35
N THR A 206 53.09 -0.39 13.52
CA THR A 206 53.62 -0.92 14.78
C THR A 206 52.66 -1.89 15.47
N GLN A 207 51.38 -1.56 15.55
CA GLN A 207 50.42 -2.37 16.27
C GLN A 207 49.82 -3.43 15.35
N THR A 208 49.65 -4.64 15.89
CA THR A 208 49.09 -5.76 15.15
C THR A 208 47.57 -5.81 15.35
N TYR A 209 46.85 -6.11 14.27
CA TYR A 209 45.39 -6.18 14.29
C TYR A 209 44.95 -7.56 13.81
N ILE A 210 44.43 -8.36 14.73
CA ILE A 210 43.92 -9.69 14.44
C ILE A 210 42.42 -9.70 14.72
N CYS A 211 41.64 -10.17 13.76
CA CYS A 211 40.20 -10.31 13.92
C CYS A 211 39.86 -11.80 14.07
N ASN A 212 39.04 -12.12 15.05
CA ASN A 212 38.68 -13.49 15.38
C ASN A 212 37.20 -13.68 15.09
N VAL A 213 36.89 -14.48 14.07
CA VAL A 213 35.52 -14.77 13.67
C VAL A 213 35.15 -16.17 14.16
N ASN A 214 34.05 -16.27 14.89
CA ASN A 214 33.56 -17.54 15.40
C ASN A 214 32.13 -17.74 14.91
N HIS A 215 31.89 -18.86 14.23
CA HIS A 215 30.57 -19.22 13.72
C HIS A 215 30.17 -20.54 14.38
N LYS A 216 29.47 -20.42 15.51
CA LYS A 216 29.06 -21.61 16.26
C LYS A 216 28.16 -22.57 15.49
N PRO A 217 27.20 -22.12 14.65
CA PRO A 217 26.37 -23.10 13.94
C PRO A 217 27.15 -24.08 13.08
N SER A 218 28.23 -23.64 12.44
CA SER A 218 29.04 -24.52 11.60
C SER A 218 30.35 -24.92 12.25
N ASN A 219 30.60 -24.50 13.49
CA ASN A 219 31.83 -24.81 14.21
C ASN A 219 33.06 -24.38 13.40
N THR A 220 33.07 -23.12 12.99
CA THR A 220 34.14 -22.55 12.20
C THR A 220 34.73 -21.37 12.97
N LYS A 221 36.05 -21.43 13.22
CA LYS A 221 36.78 -20.36 13.88
C LYS A 221 37.91 -19.91 12.97
N VAL A 222 37.91 -18.63 12.60
CA VAL A 222 38.88 -18.08 11.66
C VAL A 222 39.56 -16.89 12.30
N ASP A 223 40.88 -16.87 12.25
CA ASP A 223 41.69 -15.72 12.67
C ASP A 223 42.39 -15.12 11.46
N LYS A 224 42.32 -13.80 11.33
CA LYS A 224 42.89 -13.10 10.18
C LYS A 224 43.64 -11.87 10.66
N LYS A 225 44.83 -11.66 10.10
CA LYS A 225 45.60 -10.45 10.36
C LYS A 225 45.31 -9.44 9.27
N VAL A 226 45.01 -8.21 9.67
CA VAL A 226 44.75 -7.11 8.75
C VAL A 226 45.98 -6.23 8.71
N GLU A 227 46.67 -6.20 7.57
CA GLU A 227 47.88 -5.42 7.41
C GLU A 227 47.67 -4.32 6.37
N PRO A 228 48.36 -3.20 6.52
CA PRO A 228 48.18 -2.09 5.57
C PRO A 228 48.91 -2.32 4.26
N LYS A 229 48.32 -1.79 3.20
CA LYS A 229 48.95 -1.78 1.87
C LYS A 229 48.20 -0.81 0.97
N LEU B 4 1.75 4.39 -7.11
CA LEU B 4 1.70 5.44 -6.11
C LEU B 4 3.11 5.87 -5.71
N THR B 5 3.27 7.15 -5.36
CA THR B 5 4.57 7.71 -5.04
C THR B 5 4.45 8.58 -3.79
N GLN B 6 5.30 8.30 -2.81
CA GLN B 6 5.39 9.08 -1.58
C GLN B 6 6.85 9.16 -1.16
N PRO B 7 7.23 10.23 -0.46
CA PRO B 7 8.64 10.39 -0.05
C PRO B 7 9.07 9.27 0.88
N PRO B 8 10.32 8.83 0.78
CA PRO B 8 10.76 7.70 1.62
C PRO B 8 10.94 8.05 3.08
N SER B 9 11.15 9.32 3.42
CA SER B 9 11.41 9.68 4.80
C SER B 9 11.04 11.14 5.03
N VAL B 10 10.47 11.42 6.21
CA VAL B 10 10.19 12.78 6.66
C VAL B 10 10.62 12.88 8.12
N SER B 11 10.89 14.11 8.55
CA SER B 11 11.34 14.37 9.91
C SER B 11 10.76 15.69 10.40
N PHE B 12 10.20 15.66 11.60
CA PHE B 12 9.62 16.85 12.22
C PHE B 12 9.97 16.88 13.70
N SER B 13 9.98 18.09 14.25
CA SER B 13 10.20 18.28 15.68
C SER B 13 8.90 18.04 16.44
N PRO B 14 8.99 17.68 17.72
CA PRO B 14 7.77 17.48 18.51
C PRO B 14 6.91 18.74 18.55
N GLY B 15 5.61 18.57 18.31
CA GLY B 15 4.68 19.66 18.27
C GLY B 15 4.40 20.23 16.90
N GLN B 16 5.27 19.97 15.93
CA GLN B 16 5.07 20.47 14.58
C GLN B 16 3.94 19.71 13.89
N THR B 17 3.51 20.23 12.74
CA THR B 17 2.45 19.64 11.94
C THR B 17 3.10 18.86 10.80
N ALA B 18 3.10 17.53 10.92
CA ALA B 18 3.71 16.68 9.90
C ALA B 18 2.78 16.54 8.70
N ARG B 19 3.39 16.42 7.53
CA ARG B 19 2.65 16.23 6.28
C ARG B 19 3.38 15.22 5.42
N ILE B 20 2.65 14.21 4.95
CA ILE B 20 3.16 13.19 4.05
C ILE B 20 2.28 13.17 2.81
N THR B 21 2.89 13.32 1.64
CA THR B 21 2.16 13.41 0.38
C THR B 21 2.20 12.08 -0.36
N CYS B 22 1.09 11.76 -1.01
CA CYS B 22 0.94 10.55 -1.81
C CYS B 22 0.39 10.96 -3.18
N SER B 23 1.12 10.64 -4.23
CA SER B 23 0.75 11.04 -5.58
C SER B 23 0.49 9.83 -6.46
N GLY B 24 -0.42 10.00 -7.42
CA GLY B 24 -0.77 8.94 -8.35
C GLY B 24 -1.98 9.29 -9.20
N ASP B 25 -1.99 8.81 -10.45
CA ASP B 25 -3.11 9.10 -11.33
C ASP B 25 -4.39 8.43 -10.88
N ALA B 26 -4.29 7.26 -10.23
CA ALA B 26 -5.47 6.59 -9.71
C ALA B 26 -6.09 7.31 -8.52
N LEU B 27 -5.39 8.31 -7.96
CA LEU B 27 -5.90 9.05 -6.81
C LEU B 27 -7.01 10.03 -7.17
N SER B 28 -7.23 10.29 -8.45
CA SER B 28 -8.33 11.14 -8.89
C SER B 28 -9.61 10.37 -9.15
N LYS B 29 -9.55 9.04 -9.23
CA LYS B 29 -10.71 8.21 -9.50
C LYS B 29 -11.27 7.55 -8.24
N GLN B 30 -10.41 6.95 -7.43
CA GLN B 30 -10.81 6.28 -6.20
C GLN B 30 -10.12 6.92 -5.00
N TYR B 31 -10.57 6.54 -3.80
CA TYR B 31 -10.11 7.18 -2.58
C TYR B 31 -8.72 6.68 -2.18
N THR B 32 -8.13 7.40 -1.22
CA THR B 32 -6.81 7.10 -0.70
C THR B 32 -6.92 6.75 0.77
N TYR B 33 -6.19 5.71 1.20
CA TYR B 33 -6.24 5.22 2.56
C TYR B 33 -4.83 5.15 3.13
N TRP B 34 -4.66 5.60 4.36
CA TRP B 34 -3.37 5.65 5.03
C TRP B 34 -3.31 4.59 6.13
N TYR B 35 -2.14 3.97 6.27
CA TYR B 35 -1.93 2.92 7.27
C TYR B 35 -0.67 3.24 8.07
N GLN B 36 -0.76 3.12 9.38
CA GLN B 36 0.37 3.30 10.28
C GLN B 36 0.91 1.94 10.70
N GLN B 37 2.22 1.76 10.56
CA GLN B 37 2.88 0.50 10.91
C GLN B 37 4.06 0.80 11.83
N LYS B 38 3.95 0.39 13.08
CA LYS B 38 5.05 0.52 14.01
C LYS B 38 5.96 -0.70 13.92
N PRO B 39 7.22 -0.57 14.34
CA PRO B 39 8.16 -1.70 14.23
C PRO B 39 7.68 -2.98 14.89
N GLY B 40 7.61 -4.06 14.12
CA GLY B 40 7.20 -5.34 14.65
C GLY B 40 5.72 -5.47 14.97
N GLN B 41 4.88 -4.62 14.39
CA GLN B 41 3.45 -4.64 14.65
C GLN B 41 2.69 -4.58 13.33
N ALA B 42 1.42 -4.98 13.38
CA ALA B 42 0.58 -4.99 12.20
C ALA B 42 0.18 -3.56 11.82
N PRO B 43 -0.04 -3.30 10.53
CA PRO B 43 -0.50 -1.97 10.11
C PRO B 43 -1.87 -1.65 10.68
N VAL B 44 -2.16 -0.35 10.77
CA VAL B 44 -3.42 0.15 11.34
C VAL B 44 -3.93 1.28 10.45
N LEU B 45 -5.20 1.17 10.04
CA LEU B 45 -5.83 2.24 9.28
C LEU B 45 -6.03 3.46 10.15
N VAL B 46 -5.57 4.62 9.67
CA VAL B 46 -5.64 5.84 10.46
C VAL B 46 -6.45 6.91 9.73
N ILE B 47 -6.50 6.82 8.40
CA ILE B 47 -7.24 7.78 7.59
C ILE B 47 -7.84 7.03 6.40
N TYR B 48 -9.16 7.16 6.23
CA TYR B 48 -9.83 6.57 5.08
C TYR B 48 -10.61 7.64 4.33
N LYS B 49 -10.96 7.31 3.08
CA LYS B 49 -11.68 8.23 2.19
C LYS B 49 -11.02 9.60 2.15
N ASP B 50 -9.73 9.60 1.84
CA ASP B 50 -8.91 10.80 1.68
C ASP B 50 -8.74 11.59 2.98
N SER B 51 -9.83 12.03 3.59
CA SER B 51 -9.76 12.99 4.69
C SER B 51 -10.38 12.51 6.00
N GLU B 52 -11.32 11.57 5.96
CA GLU B 52 -12.00 11.17 7.18
C GLU B 52 -11.13 10.22 8.00
N ARG B 53 -11.42 10.16 9.30
CA ARG B 53 -10.69 9.27 10.19
C ARG B 53 -11.62 8.23 10.80
N PRO B 54 -11.13 7.00 10.99
CA PRO B 54 -11.98 5.96 11.61
C PRO B 54 -12.16 6.22 13.10
N SER B 55 -13.03 5.41 13.70
CA SER B 55 -13.27 5.51 15.14
C SER B 55 -12.07 4.98 15.90
N GLY B 56 -11.61 5.75 16.89
CA GLY B 56 -10.46 5.38 17.68
C GLY B 56 -9.16 6.07 17.29
N ILE B 57 -9.19 6.97 16.32
CA ILE B 57 -8.02 7.71 15.88
C ILE B 57 -8.09 9.11 16.47
N PRO B 58 -7.02 9.62 17.07
CA PRO B 58 -7.06 10.97 17.64
C PRO B 58 -7.33 12.03 16.58
N GLU B 59 -7.83 13.17 17.04
CA GLU B 59 -8.24 14.24 16.13
C GLU B 59 -7.07 14.87 15.39
N ARG B 60 -5.84 14.66 15.87
CA ARG B 60 -4.68 15.26 15.20
C ARG B 60 -4.43 14.65 13.83
N PHE B 61 -4.98 13.47 13.55
CA PHE B 61 -4.86 12.86 12.23
C PHE B 61 -5.92 13.42 11.29
N SER B 62 -5.50 13.82 10.10
CA SER B 62 -6.40 14.36 9.09
C SER B 62 -5.72 14.28 7.73
N GLY B 63 -6.51 14.51 6.68
CA GLY B 63 -5.98 14.45 5.33
C GLY B 63 -6.68 15.44 4.43
N SER B 64 -6.10 15.62 3.24
CA SER B 64 -6.66 16.53 2.24
C SER B 64 -6.35 15.99 0.86
N SER B 65 -7.26 16.24 -0.08
CA SER B 65 -7.14 15.78 -1.45
C SER B 65 -7.19 16.97 -2.40
N SER B 66 -6.23 17.01 -3.33
CA SER B 66 -6.16 18.07 -4.34
C SER B 66 -5.72 17.43 -5.64
N GLY B 67 -6.68 16.94 -6.42
CA GLY B 67 -6.34 16.32 -7.69
C GLY B 67 -5.71 14.96 -7.49
N THR B 68 -4.56 14.75 -8.11
CA THR B 68 -3.84 13.47 -8.06
C THR B 68 -2.84 13.41 -6.90
N THR B 69 -3.04 14.18 -5.84
CA THR B 69 -2.13 14.20 -4.70
C THR B 69 -2.94 14.30 -3.41
N VAL B 70 -2.70 13.36 -2.50
CA VAL B 70 -3.34 13.34 -1.19
C VAL B 70 -2.27 13.52 -0.12
N THR B 71 -2.56 14.37 0.86
CA THR B 71 -1.61 14.72 1.91
C THR B 71 -2.15 14.27 3.25
N LEU B 72 -1.37 13.44 3.95
CA LEU B 72 -1.69 13.05 5.33
C LEU B 72 -1.14 14.10 6.28
N THR B 73 -1.98 14.54 7.21
CA THR B 73 -1.63 15.60 8.14
C THR B 73 -1.73 15.09 9.57
N ILE B 74 -0.68 15.34 10.35
CA ILE B 74 -0.65 15.01 11.77
C ILE B 74 -0.23 16.28 12.51
N SER B 75 -1.20 16.93 13.17
CA SER B 75 -0.95 18.19 13.86
C SER B 75 -0.42 17.90 15.26
N GLY B 76 0.68 18.57 15.62
CA GLY B 76 1.32 18.33 16.90
C GLY B 76 1.76 16.90 17.06
N VAL B 77 2.85 16.54 16.38
CA VAL B 77 3.29 15.15 16.34
C VAL B 77 3.82 14.73 17.70
N GLN B 78 3.33 13.60 18.18
CA GLN B 78 3.86 12.96 19.38
C GLN B 78 4.88 11.91 18.98
N ALA B 79 5.79 11.61 19.91
CA ALA B 79 6.73 10.51 19.69
C ALA B 79 5.99 9.19 19.51
N GLU B 80 4.75 9.10 20.02
CA GLU B 80 3.91 7.94 19.77
C GLU B 80 3.59 7.77 18.29
N ASP B 81 3.70 8.83 17.50
CA ASP B 81 3.35 8.79 16.08
C ASP B 81 4.51 8.37 15.18
N GLU B 82 5.70 8.17 15.73
CA GLU B 82 6.85 7.79 14.92
C GLU B 82 6.67 6.36 14.42
N ALA B 83 6.41 6.21 13.13
CA ALA B 83 6.20 4.91 12.51
C ALA B 83 6.31 5.06 11.00
N ASP B 84 6.07 3.96 10.29
CA ASP B 84 6.05 3.95 8.84
C ASP B 84 4.60 4.10 8.36
N TYR B 85 4.41 4.93 7.33
CA TYR B 85 3.09 5.25 6.81
C TYR B 85 3.01 4.87 5.34
N TYR B 86 2.01 4.06 4.99
CA TYR B 86 1.77 3.63 3.63
C TYR B 86 0.42 4.16 3.17
N CYS B 87 0.39 4.73 1.97
CA CYS B 87 -0.87 5.12 1.35
C CYS B 87 -1.30 4.06 0.35
N GLN B 88 -2.60 3.79 0.29
CA GLN B 88 -3.14 2.80 -0.63
C GLN B 88 -4.32 3.38 -1.40
N SER B 89 -4.59 2.78 -2.54
CA SER B 89 -5.73 3.13 -3.38
C SER B 89 -6.09 1.90 -4.19
N ALA B 90 -6.75 2.11 -5.33
CA ALA B 90 -7.16 1.01 -6.18
C ALA B 90 -7.24 1.46 -7.63
N ASP B 91 -7.23 0.49 -8.53
CA ASP B 91 -7.32 0.75 -9.96
C ASP B 91 -8.27 -0.28 -10.57
N SER B 92 -9.42 0.18 -11.05
CA SER B 92 -10.40 -0.67 -11.71
C SER B 92 -10.37 -0.52 -13.23
N SER B 93 -9.26 -0.01 -13.77
CA SER B 93 -9.15 0.15 -15.21
C SER B 93 -9.25 -1.21 -15.92
N GLY B 94 -8.45 -2.17 -15.50
CA GLY B 94 -8.58 -3.53 -15.96
C GLY B 94 -9.10 -4.41 -14.85
N PRO B 95 -8.38 -5.51 -14.56
CA PRO B 95 -8.67 -6.27 -13.35
C PRO B 95 -8.43 -5.42 -12.11
N TYR B 96 -9.13 -5.77 -11.03
CA TYR B 96 -9.00 -5.00 -9.79
C TYR B 96 -7.58 -5.11 -9.25
N GLN B 97 -7.02 -3.96 -8.88
CA GLN B 97 -5.65 -3.89 -8.40
C GLN B 97 -5.59 -2.95 -7.20
N VAL B 98 -5.08 -3.46 -6.08
CA VAL B 98 -4.82 -2.60 -4.92
C VAL B 98 -3.44 -1.97 -5.10
N LEU B 99 -3.39 -0.66 -4.97
CA LEU B 99 -2.16 0.11 -5.18
C LEU B 99 -1.60 0.55 -3.84
N PHE B 100 -0.30 0.34 -3.65
CA PHE B 100 0.39 0.76 -2.43
C PHE B 100 1.53 1.70 -2.79
N GLY B 101 1.81 2.64 -1.89
CA GLY B 101 2.95 3.52 -2.04
C GLY B 101 4.23 2.91 -1.48
N GLY B 102 5.33 3.62 -1.71
CA GLY B 102 6.62 3.14 -1.24
C GLY B 102 6.73 3.13 0.27
N GLY B 103 6.01 4.01 0.94
CA GLY B 103 6.10 4.12 2.39
C GLY B 103 6.96 5.29 2.81
N THR B 104 6.63 5.86 3.97
CA THR B 104 7.34 7.02 4.50
C THR B 104 7.68 6.76 5.96
N LYS B 105 8.96 6.91 6.28
CA LYS B 105 9.44 6.76 7.66
C LYS B 105 9.36 8.13 8.33
N LEU B 106 8.36 8.30 9.19
CA LEU B 106 8.18 9.53 9.94
C LEU B 106 9.01 9.44 11.22
N THR B 107 9.98 10.35 11.36
CA THR B 107 10.84 10.41 12.54
C THR B 107 10.50 11.65 13.34
N VAL B 108 10.06 11.47 14.58
CA VAL B 108 9.89 12.58 15.51
C VAL B 108 11.25 12.86 16.13
N LEU B 109 11.82 14.02 15.82
CA LEU B 109 13.18 14.32 16.21
C LEU B 109 13.34 14.35 17.72
N GLY B 110 14.42 13.74 18.20
CA GLY B 110 14.71 13.70 19.62
C GLY B 110 16.15 14.07 19.94
N GLN B 111 16.90 14.42 18.90
CA GLN B 111 18.31 14.78 19.04
C GLN B 111 18.74 15.52 17.77
N PRO B 112 19.84 16.27 17.81
CA PRO B 112 20.30 16.95 16.61
C PRO B 112 20.57 15.98 15.47
N LYS B 113 20.31 16.44 14.25
CA LYS B 113 20.50 15.61 13.06
C LYS B 113 21.99 15.31 12.87
N ALA B 114 22.33 14.03 12.81
CA ALA B 114 23.71 13.59 12.66
C ALA B 114 23.94 13.17 11.21
N ALA B 115 25.03 13.65 10.62
CA ALA B 115 25.39 13.28 9.27
C ALA B 115 26.09 11.92 9.26
N PRO B 116 25.86 11.11 8.24
CA PRO B 116 26.44 9.75 8.24
C PRO B 116 27.94 9.77 7.97
N SER B 117 28.65 8.91 8.68
CA SER B 117 30.07 8.68 8.47
C SER B 117 30.23 7.47 7.56
N VAL B 118 30.79 7.69 6.37
CA VAL B 118 30.84 6.68 5.32
C VAL B 118 32.29 6.23 5.13
N THR B 119 32.46 4.92 4.93
CA THR B 119 33.77 4.35 4.64
C THR B 119 33.59 3.28 3.56
N LEU B 120 34.33 3.44 2.46
CA LEU B 120 34.22 2.56 1.30
C LEU B 120 35.49 1.73 1.15
N PHE B 121 35.34 0.41 1.06
CA PHE B 121 36.47 -0.49 0.91
C PHE B 121 36.49 -1.11 -0.48
N PRO B 122 37.67 -1.20 -1.11
CA PRO B 122 37.78 -1.88 -2.40
C PRO B 122 37.92 -3.38 -2.19
N PRO B 123 37.71 -4.17 -3.25
CA PRO B 123 37.92 -5.62 -3.12
C PRO B 123 39.35 -5.94 -2.72
N SER B 124 39.48 -6.81 -1.71
CA SER B 124 40.79 -7.20 -1.23
C SER B 124 41.52 -8.05 -2.27
N SER B 125 42.85 -8.11 -2.15
CA SER B 125 43.64 -8.88 -3.10
C SER B 125 43.37 -10.37 -2.97
N GLU B 126 43.06 -10.84 -1.76
CA GLU B 126 42.76 -12.25 -1.58
C GLU B 126 41.44 -12.63 -2.24
N GLU B 127 40.43 -11.75 -2.14
CA GLU B 127 39.14 -12.05 -2.76
C GLU B 127 39.22 -12.01 -4.28
N LEU B 128 39.99 -11.06 -4.83
CA LEU B 128 40.17 -11.01 -6.28
C LEU B 128 40.85 -12.27 -6.79
N GLN B 129 41.79 -12.82 -6.01
CA GLN B 129 42.41 -14.09 -6.37
C GLN B 129 41.45 -15.26 -6.25
N ALA B 130 40.31 -15.09 -5.58
CA ALA B 130 39.24 -16.07 -5.56
C ALA B 130 38.19 -15.81 -6.62
N ASN B 131 38.51 -14.98 -7.62
CA ASN B 131 37.62 -14.67 -8.74
C ASN B 131 36.31 -14.04 -8.23
N LYS B 132 36.42 -13.19 -7.21
CA LYS B 132 35.28 -12.49 -6.65
C LYS B 132 35.69 -11.08 -6.28
N ALA B 133 34.72 -10.17 -6.24
CA ALA B 133 34.96 -8.78 -5.91
C ALA B 133 33.76 -8.24 -5.13
N THR B 134 34.04 -7.60 -3.99
CA THR B 134 32.99 -7.06 -3.13
C THR B 134 33.43 -5.69 -2.63
N LEU B 135 32.64 -4.67 -2.92
CA LEU B 135 32.84 -3.34 -2.38
C LEU B 135 31.96 -3.16 -1.15
N VAL B 136 32.57 -2.77 -0.03
CA VAL B 136 31.89 -2.63 1.24
C VAL B 136 31.77 -1.14 1.55
N CYS B 137 30.54 -0.64 1.64
CA CYS B 137 30.25 0.75 1.98
C CYS B 137 29.55 0.77 3.32
N LEU B 138 30.25 1.20 4.36
CA LEU B 138 29.73 1.19 5.72
C LEU B 138 29.27 2.59 6.10
N ILE B 139 28.06 2.66 6.67
CA ILE B 139 27.41 3.92 7.02
C ILE B 139 26.99 3.84 8.48
N SER B 140 27.37 4.85 9.27
CA SER B 140 27.09 4.82 10.70
C SER B 140 26.96 6.24 11.24
N ASP B 141 26.39 6.32 12.44
CA ASP B 141 26.29 7.57 13.21
C ASP B 141 25.47 8.62 12.48
N PHE B 142 24.32 8.22 11.94
CA PHE B 142 23.40 9.15 11.30
C PHE B 142 22.04 9.09 11.98
N TYR B 143 21.40 10.26 12.07
CA TYR B 143 20.06 10.41 12.62
C TYR B 143 19.37 11.51 11.84
N PRO B 144 18.11 11.33 11.43
CA PRO B 144 17.24 10.16 11.64
C PRO B 144 17.69 8.89 10.92
N GLY B 145 17.14 7.76 11.34
CA GLY B 145 17.51 6.48 10.76
C GLY B 145 16.86 6.21 9.41
N ALA B 146 17.23 7.01 8.42
CA ALA B 146 16.74 6.83 7.06
C ALA B 146 17.77 7.39 6.10
N VAL B 147 18.05 6.64 5.03
CA VAL B 147 19.14 6.99 4.13
C VAL B 147 18.85 6.35 2.78
N THR B 148 19.43 6.93 1.72
CA THR B 148 19.31 6.40 0.37
C THR B 148 20.72 6.17 -0.18
N VAL B 149 21.00 4.93 -0.57
CA VAL B 149 22.32 4.54 -1.06
C VAL B 149 22.24 4.30 -2.56
N ALA B 150 23.19 4.86 -3.31
CA ALA B 150 23.28 4.66 -4.74
C ALA B 150 24.75 4.47 -5.12
N TRP B 151 25.00 3.49 -5.99
CA TRP B 151 26.34 3.17 -6.43
C TRP B 151 26.59 3.72 -7.83
N LYS B 152 27.84 4.09 -8.10
CA LYS B 152 28.24 4.69 -9.36
C LYS B 152 29.47 3.97 -9.90
N ALA B 153 29.34 3.38 -11.09
CA ALA B 153 30.45 2.76 -11.79
C ALA B 153 30.97 3.76 -12.82
N ASP B 154 32.11 4.39 -12.50
CA ASP B 154 32.71 5.39 -13.37
C ASP B 154 31.72 6.52 -13.67
N SER B 155 31.11 7.04 -12.61
CA SER B 155 30.09 8.10 -12.67
C SER B 155 28.84 7.67 -13.42
N SER B 156 28.55 6.37 -13.47
CA SER B 156 27.35 5.84 -14.08
C SER B 156 26.58 4.99 -13.09
N PRO B 157 25.26 5.09 -13.08
CA PRO B 157 24.48 4.38 -12.05
C PRO B 157 24.60 2.87 -12.16
N VAL B 158 24.68 2.22 -11.00
CA VAL B 158 24.75 0.76 -10.91
C VAL B 158 23.40 0.24 -10.43
N LYS B 159 22.84 -0.72 -11.17
CA LYS B 159 21.53 -1.25 -10.81
C LYS B 159 21.68 -2.59 -10.12
N ALA B 160 22.16 -3.60 -10.85
CA ALA B 160 22.25 -4.95 -10.33
C ALA B 160 23.51 -5.14 -9.49
N GLY B 161 23.48 -6.18 -8.66
CA GLY B 161 24.62 -6.52 -7.84
C GLY B 161 24.78 -5.68 -6.59
N VAL B 162 23.71 -5.09 -6.09
CA VAL B 162 23.77 -4.22 -4.91
C VAL B 162 22.92 -4.84 -3.80
N GLU B 163 23.51 -4.98 -2.62
CA GLU B 163 22.83 -5.50 -1.44
C GLU B 163 22.98 -4.48 -0.32
N THR B 164 21.85 -3.99 0.20
CA THR B 164 21.84 -2.94 1.20
C THR B 164 20.94 -3.33 2.36
N THR B 165 21.39 -3.08 3.57
CA THR B 165 20.62 -3.36 4.77
C THR B 165 19.73 -2.18 5.13
N THR B 166 18.84 -2.40 6.11
CA THR B 166 18.05 -1.31 6.65
C THR B 166 18.73 -0.71 7.87
N PRO B 167 18.50 0.57 8.15
CA PRO B 167 19.15 1.19 9.32
C PRO B 167 18.75 0.51 10.62
N SER B 168 19.76 0.26 11.45
CA SER B 168 19.58 -0.38 12.75
C SER B 168 20.04 0.56 13.85
N LYS B 169 19.33 0.53 14.98
CA LYS B 169 19.61 1.46 16.07
C LYS B 169 20.92 1.11 16.77
N GLN B 170 21.82 2.08 16.87
CA GLN B 170 23.10 1.89 17.51
C GLN B 170 22.95 2.04 19.03
N SER B 171 24.08 2.04 19.74
CA SER B 171 24.03 2.22 21.19
C SER B 171 23.77 3.68 21.55
N ASN B 172 24.34 4.62 20.79
CA ASN B 172 24.13 6.04 21.01
C ASN B 172 22.81 6.55 20.42
N ASN B 173 21.85 5.65 20.20
CA ASN B 173 20.54 5.97 19.66
C ASN B 173 20.61 6.57 18.25
N LYS B 174 21.74 6.44 17.59
CA LYS B 174 21.88 6.75 16.18
C LYS B 174 21.70 5.46 15.39
N TYR B 175 21.89 5.53 14.07
CA TYR B 175 21.61 4.40 13.20
C TYR B 175 22.80 4.12 12.30
N ALA B 176 22.86 2.86 11.85
CA ALA B 176 23.93 2.39 10.97
C ALA B 176 23.34 1.50 9.89
N ALA B 177 24.03 1.45 8.75
CA ALA B 177 23.58 0.64 7.63
C ALA B 177 24.79 0.14 6.85
N SER B 178 24.55 -0.86 6.00
CA SER B 178 25.58 -1.46 5.17
C SER B 178 25.11 -1.54 3.74
N SER B 179 26.05 -1.47 2.80
CA SER B 179 25.74 -1.57 1.38
C SER B 179 26.90 -2.26 0.68
N TYR B 180 26.62 -3.39 0.03
CA TYR B 180 27.65 -4.19 -0.63
C TYR B 180 27.38 -4.22 -2.13
N LEU B 181 28.44 -4.00 -2.91
CA LEU B 181 28.37 -4.07 -4.37
C LEU B 181 29.16 -5.27 -4.83
N SER B 182 28.46 -6.29 -5.36
CA SER B 182 29.11 -7.48 -5.88
C SER B 182 29.51 -7.25 -7.33
N LEU B 183 30.75 -7.62 -7.65
CA LEU B 183 31.28 -7.46 -9.00
C LEU B 183 32.13 -8.66 -9.36
N THR B 184 32.43 -8.77 -10.63
CA THR B 184 33.45 -9.71 -11.07
C THR B 184 34.80 -9.00 -11.12
N PRO B 185 35.91 -9.72 -10.93
CA PRO B 185 37.23 -9.07 -11.00
C PRO B 185 37.47 -8.33 -12.30
N GLU B 186 36.86 -8.76 -13.39
CA GLU B 186 36.99 -8.04 -14.65
C GLU B 186 36.28 -6.69 -14.60
N GLN B 187 35.13 -6.64 -13.92
CA GLN B 187 34.42 -5.38 -13.77
C GLN B 187 35.19 -4.40 -12.89
N TRP B 188 35.93 -4.92 -11.91
CA TRP B 188 36.64 -4.03 -10.99
C TRP B 188 37.86 -3.41 -11.66
N LYS B 189 38.69 -4.23 -12.31
CA LYS B 189 39.93 -3.76 -12.90
C LYS B 189 39.73 -3.04 -14.22
N SER B 190 38.50 -2.93 -14.71
CA SER B 190 38.25 -2.26 -15.99
C SER B 190 37.94 -0.77 -15.79
N HIS B 191 37.02 -0.46 -14.89
CA HIS B 191 36.62 0.93 -14.68
C HIS B 191 37.72 1.72 -13.98
N ARG B 192 37.63 3.04 -14.08
CA ARG B 192 38.61 3.90 -13.45
C ARG B 192 38.32 4.11 -11.96
N SER B 193 37.06 4.02 -11.56
CA SER B 193 36.68 4.26 -10.17
C SER B 193 35.30 3.67 -9.91
N TYR B 194 34.98 3.54 -8.63
CA TYR B 194 33.65 3.15 -8.17
C TYR B 194 33.29 4.01 -6.97
N SER B 195 32.03 4.42 -6.89
CA SER B 195 31.60 5.39 -5.89
C SER B 195 30.39 4.86 -5.12
N CYS B 196 30.34 5.24 -3.84
CA CYS B 196 29.20 4.97 -2.97
C CYS B 196 28.63 6.31 -2.54
N GLN B 197 27.39 6.59 -2.97
CA GLN B 197 26.73 7.85 -2.66
C GLN B 197 25.66 7.60 -1.60
N VAL B 198 25.79 8.26 -0.47
CA VAL B 198 24.92 8.07 0.69
C VAL B 198 24.22 9.40 0.94
N THR B 199 22.95 9.49 0.59
CA THR B 199 22.16 10.71 0.75
C THR B 199 21.36 10.61 2.05
N HIS B 200 21.55 11.60 2.93
CA HIS B 200 20.88 11.62 4.22
C HIS B 200 20.36 13.03 4.48
N GLU B 201 19.03 13.16 4.61
CA GLU B 201 18.38 14.43 4.91
C GLU B 201 18.74 15.51 3.88
N GLY B 202 18.69 15.15 2.61
CA GLY B 202 18.99 16.06 1.53
C GLY B 202 20.47 16.14 1.15
N SER B 203 21.35 16.09 2.15
CA SER B 203 22.78 16.13 1.90
C SER B 203 23.28 14.76 1.47
N THR B 204 24.25 14.74 0.57
CA THR B 204 24.78 13.51 0.00
C THR B 204 26.29 13.43 0.26
N VAL B 205 26.71 12.31 0.83
CA VAL B 205 28.13 12.01 1.05
C VAL B 205 28.58 11.01 0.00
N GLU B 206 29.76 11.23 -0.57
CA GLU B 206 30.29 10.37 -1.62
C GLU B 206 31.70 9.92 -1.27
N LYS B 207 31.97 8.64 -1.48
CA LYS B 207 33.30 8.06 -1.34
C LYS B 207 33.64 7.33 -2.63
N THR B 208 34.93 7.26 -2.93
CA THR B 208 35.39 6.69 -4.19
C THR B 208 36.64 5.85 -3.96
N VAL B 209 36.68 4.68 -4.61
CA VAL B 209 37.84 3.80 -4.60
C VAL B 209 38.22 3.48 -6.04
N ALA B 210 39.49 3.14 -6.23
CA ALA B 210 40.05 2.83 -7.55
C ALA B 210 40.96 1.63 -7.44
N PRO B 211 41.12 0.87 -8.52
CA PRO B 211 42.02 -0.29 -8.49
C PRO B 211 43.47 0.13 -8.22
N THR B 212 44.21 -0.76 -7.58
CA THR B 212 45.61 -0.50 -7.26
C THR B 212 46.51 -1.60 -7.81
N LYS C 5 -29.08 18.34 -18.54
CA LYS C 5 -28.28 17.50 -17.67
C LYS C 5 -28.33 18.02 -16.23
N VAL C 6 -28.17 17.10 -15.27
CA VAL C 6 -28.22 17.44 -13.85
C VAL C 6 -26.80 17.48 -13.31
N THR C 7 -26.46 18.56 -12.60
CA THR C 7 -25.14 18.76 -12.04
C THR C 7 -25.24 18.91 -10.53
N VAL C 8 -24.13 19.26 -9.90
CA VAL C 8 -24.11 19.45 -8.45
C VAL C 8 -24.79 20.76 -8.05
N ASP C 9 -24.98 21.68 -8.99
CA ASP C 9 -25.65 22.95 -8.71
C ASP C 9 -27.14 22.90 -9.02
N THR C 10 -27.67 21.77 -9.46
CA THR C 10 -29.08 21.67 -9.80
C THR C 10 -29.93 21.67 -8.55
N VAL C 11 -31.04 22.41 -8.60
CA VAL C 11 -32.00 22.47 -7.50
C VAL C 11 -33.11 21.47 -7.78
N CYS C 12 -33.21 20.43 -6.94
CA CYS C 12 -34.26 19.43 -7.07
C CYS C 12 -35.51 19.95 -6.37
N LYS C 13 -36.50 20.37 -7.16
CA LYS C 13 -37.74 20.90 -6.61
C LYS C 13 -38.49 19.79 -5.88
N ARG C 14 -38.65 19.95 -4.56
CA ARG C 14 -39.28 18.95 -3.69
C ARG C 14 -38.55 17.62 -3.75
N GLY C 15 -37.23 17.67 -3.94
CA GLY C 15 -36.41 16.48 -3.97
C GLY C 15 -35.01 16.75 -3.46
N PHE C 16 -34.09 15.82 -3.69
CA PHE C 16 -32.70 16.01 -3.26
C PHE C 16 -31.78 15.32 -4.25
N LEU C 17 -30.57 15.86 -4.38
CA LEU C 17 -29.60 15.33 -5.31
C LEU C 17 -29.02 14.01 -4.82
N ILE C 18 -28.91 13.04 -5.74
CA ILE C 18 -28.21 11.80 -5.50
C ILE C 18 -27.17 11.62 -6.60
N GLN C 19 -26.12 10.86 -6.29
CA GLN C 19 -25.03 10.62 -7.22
C GLN C 19 -24.76 9.14 -7.32
N MET C 20 -24.60 8.66 -8.55
CA MET C 20 -24.17 7.29 -8.82
C MET C 20 -22.81 7.35 -9.51
N SER C 21 -22.38 6.20 -10.05
CA SER C 21 -21.02 6.09 -10.57
C SER C 21 -20.80 6.94 -11.82
N GLY C 22 -21.85 7.32 -12.54
CA GLY C 22 -21.65 7.98 -13.80
C GLY C 22 -22.53 9.19 -14.09
N HIS C 23 -23.37 9.59 -13.13
CA HIS C 23 -24.26 10.73 -13.33
C HIS C 23 -24.84 11.15 -11.98
N LEU C 24 -25.59 12.24 -12.00
CA LEU C 24 -26.39 12.69 -10.88
C LEU C 24 -27.84 12.83 -11.33
N GLU C 25 -28.76 12.70 -10.37
CA GLU C 25 -30.18 12.85 -10.66
C GLU C 25 -30.90 13.25 -9.39
N CYS C 26 -32.16 13.64 -9.55
CA CYS C 26 -32.99 14.09 -8.44
C CYS C 26 -33.90 12.95 -7.97
N LYS C 27 -33.87 12.69 -6.66
CA LYS C 27 -34.76 11.73 -6.04
C LYS C 27 -35.82 12.48 -5.24
N CYS C 28 -37.07 12.04 -5.37
CA CYS C 28 -38.19 12.75 -4.76
C CYS C 28 -38.35 12.38 -3.29
N GLU C 29 -39.13 13.19 -2.58
CA GLU C 29 -39.42 12.96 -1.17
C GLU C 29 -40.70 12.16 -1.05
N ASN C 30 -40.73 11.25 -0.06
CA ASN C 30 -41.94 10.51 0.30
C ASN C 30 -42.57 9.83 -0.90
N ASP C 31 -43.80 10.21 -1.23
CA ASP C 31 -44.56 9.62 -2.33
C ASP C 31 -44.63 10.53 -3.55
N LEU C 32 -43.65 11.43 -3.71
CA LEU C 32 -43.65 12.33 -4.85
C LEU C 32 -43.05 11.63 -6.07
N VAL C 33 -43.46 12.08 -7.25
CA VAL C 33 -42.98 11.54 -8.51
C VAL C 33 -42.33 12.65 -9.32
N LEU C 34 -41.41 12.25 -10.21
CA LEU C 34 -40.67 13.19 -11.02
C LEU C 34 -41.55 13.71 -12.16
N VAL C 35 -41.75 15.02 -12.21
CA VAL C 35 -42.41 15.63 -13.36
C VAL C 35 -41.41 15.83 -14.49
N ASN C 36 -40.20 16.30 -14.16
CA ASN C 36 -39.11 16.39 -15.11
C ASN C 36 -37.85 15.91 -14.41
N GLU C 37 -36.68 16.24 -14.96
CA GLU C 37 -35.41 15.80 -14.41
C GLU C 37 -35.10 16.41 -13.05
N GLU C 38 -35.82 17.45 -12.62
CA GLU C 38 -35.47 18.12 -11.37
C GLU C 38 -36.68 18.60 -10.58
N THR C 39 -37.90 18.22 -10.96
CA THR C 39 -39.11 18.68 -10.28
C THR C 39 -39.90 17.47 -9.78
N CYS C 40 -40.30 17.52 -8.51
CA CYS C 40 -41.09 16.48 -7.88
C CYS C 40 -42.43 17.06 -7.44
N GLU C 41 -43.51 16.36 -7.75
CA GLU C 41 -44.85 16.78 -7.40
C GLU C 41 -45.66 15.58 -6.92
N GLU C 42 -46.81 15.87 -6.32
CA GLU C 42 -47.70 14.81 -5.86
C GLU C 42 -48.30 14.08 -7.04
N LYS C 43 -48.44 12.76 -6.91
CA LYS C 43 -49.02 11.92 -7.94
C LYS C 43 -50.48 11.63 -7.62
N VAL C 44 -51.27 11.46 -8.68
CA VAL C 44 -52.67 11.08 -8.52
C VAL C 44 -52.75 9.58 -8.26
N LEU C 45 -53.83 9.17 -7.57
CA LEU C 45 -54.01 7.76 -7.27
C LEU C 45 -54.66 7.02 -8.45
N LYS C 46 -55.76 7.55 -8.97
CA LYS C 46 -56.47 6.98 -10.10
C LYS C 46 -56.51 8.00 -11.23
N CYS C 47 -56.33 7.54 -12.46
CA CYS C 47 -56.41 8.41 -13.63
C CYS C 47 -57.88 8.66 -13.94
N ASP C 48 -58.36 9.86 -13.60
CA ASP C 48 -59.73 10.27 -13.86
C ASP C 48 -59.76 11.24 -15.04
N GLU C 49 -60.97 11.74 -15.34
CA GLU C 49 -61.09 12.84 -16.28
C GLU C 49 -60.57 14.14 -15.68
N LYS C 50 -60.74 14.32 -14.37
CA LYS C 50 -60.25 15.51 -13.69
C LYS C 50 -58.73 15.47 -13.51
N THR C 51 -58.14 14.27 -13.46
CA THR C 51 -56.71 14.12 -13.25
C THR C 51 -55.94 14.01 -14.56
N VAL C 52 -56.55 14.35 -15.69
CA VAL C 52 -55.85 14.31 -16.96
C VAL C 52 -54.72 15.33 -16.95
N ASN C 53 -53.56 14.93 -17.50
CA ASN C 53 -52.33 15.69 -17.57
C ASN C 53 -51.67 15.88 -16.20
N LYS C 54 -52.31 15.43 -15.13
CA LYS C 54 -51.66 15.40 -13.82
C LYS C 54 -50.75 14.18 -13.72
N PRO C 55 -49.62 14.31 -13.03
CA PRO C 55 -48.67 13.20 -12.98
C PRO C 55 -49.22 12.03 -12.19
N CYS C 56 -48.99 10.82 -12.72
CA CYS C 56 -49.36 9.58 -12.06
C CYS C 56 -48.16 8.75 -11.63
N GLY C 57 -46.99 8.98 -12.22
CA GLY C 57 -45.78 8.30 -11.83
C GLY C 57 -44.58 9.05 -12.33
N ASP C 58 -43.41 8.43 -12.17
CA ASP C 58 -42.17 9.02 -12.64
C ASP C 58 -42.17 9.17 -14.15
N PHE C 59 -42.21 10.43 -14.63
CA PHE C 59 -42.23 10.74 -16.07
C PHE C 59 -43.45 10.12 -16.76
N SER C 60 -44.62 10.33 -16.15
CA SER C 60 -45.87 9.81 -16.72
C SER C 60 -47.03 10.64 -16.22
N LYS C 61 -47.99 10.91 -17.12
CA LYS C 61 -49.19 11.67 -16.81
C LYS C 61 -50.41 10.87 -17.24
N CYS C 62 -51.56 11.22 -16.66
CA CYS C 62 -52.82 10.62 -17.06
C CYS C 62 -53.29 11.26 -18.37
N ILE C 63 -53.71 10.42 -19.32
CA ILE C 63 -54.18 10.90 -20.62
C ILE C 63 -55.58 10.33 -20.86
N LYS C 64 -56.21 10.81 -21.93
CA LYS C 64 -57.53 10.35 -22.33
C LYS C 64 -57.41 9.43 -23.54
N ILE C 65 -58.16 8.34 -23.52
CA ILE C 65 -58.19 7.37 -24.61
C ILE C 65 -59.56 7.46 -25.28
N ASP C 66 -59.55 7.77 -26.58
CA ASP C 66 -60.80 7.90 -27.35
C ASP C 66 -61.26 6.53 -27.82
N GLY C 67 -61.67 5.70 -26.86
CA GLY C 67 -62.22 4.40 -27.14
C GLY C 67 -63.72 4.45 -27.33
N ASN C 68 -64.34 3.26 -27.29
CA ASN C 68 -65.79 3.20 -27.38
C ASN C 68 -66.46 3.90 -26.21
N PRO C 69 -66.07 3.67 -24.95
CA PRO C 69 -66.31 4.69 -23.91
C PRO C 69 -65.01 5.42 -23.60
N VAL C 70 -65.10 6.56 -22.92
CA VAL C 70 -63.88 7.31 -22.60
C VAL C 70 -63.08 6.54 -21.57
N SER C 71 -61.77 6.42 -21.80
CA SER C 71 -60.88 5.69 -20.92
C SER C 71 -59.66 6.56 -20.61
N TYR C 72 -59.09 6.35 -19.44
CA TYR C 72 -57.95 7.13 -18.97
C TYR C 72 -56.89 6.19 -18.41
N ALA C 73 -55.65 6.37 -18.83
CA ALA C 73 -54.55 5.52 -18.40
C ALA C 73 -53.32 6.38 -18.13
N CYS C 74 -52.32 5.76 -17.49
CA CYS C 74 -51.08 6.42 -17.13
C CYS C 74 -50.03 6.09 -18.19
N LYS C 75 -49.73 7.06 -19.05
CA LYS C 75 -48.78 6.88 -20.15
C LYS C 75 -47.49 7.61 -19.86
N CYS C 76 -46.37 7.00 -20.23
CA CYS C 76 -45.08 7.65 -20.12
C CYS C 76 -44.98 8.79 -21.11
N ASN C 77 -44.15 9.78 -20.77
CA ASN C 77 -43.94 10.92 -21.66
C ASN C 77 -43.19 10.49 -22.91
N LEU C 78 -43.03 11.43 -23.84
CA LEU C 78 -42.30 11.16 -25.07
C LEU C 78 -40.83 10.89 -24.74
N GLY C 79 -40.27 9.88 -25.40
CA GLY C 79 -38.91 9.44 -25.13
C GLY C 79 -38.78 8.40 -24.05
N TYR C 80 -39.88 8.06 -23.37
CA TYR C 80 -39.87 7.06 -22.31
C TYR C 80 -40.83 5.92 -22.66
N ASP C 81 -40.56 4.74 -22.11
CA ASP C 81 -41.42 3.59 -22.29
C ASP C 81 -41.54 2.85 -20.95
N MET C 82 -42.57 2.01 -20.86
CA MET C 82 -42.90 1.33 -19.62
C MET C 82 -42.14 0.01 -19.52
N VAL C 83 -41.33 -0.13 -18.47
CA VAL C 83 -40.61 -1.37 -18.19
C VAL C 83 -40.69 -1.62 -16.69
N ASN C 84 -41.34 -2.73 -16.31
CA ASN C 84 -41.53 -3.10 -14.90
C ASN C 84 -42.28 -2.00 -14.15
N ASN C 85 -43.38 -1.53 -14.77
CA ASN C 85 -44.24 -0.48 -14.20
C ASN C 85 -43.46 0.79 -13.88
N VAL C 86 -42.40 1.07 -14.63
CA VAL C 86 -41.56 2.24 -14.44
C VAL C 86 -41.21 2.80 -15.81
N CYS C 87 -41.35 4.11 -15.97
CA CYS C 87 -41.01 4.77 -17.24
C CYS C 87 -39.51 4.99 -17.31
N ILE C 88 -38.86 4.39 -18.30
CA ILE C 88 -37.43 4.59 -18.55
C ILE C 88 -37.27 5.04 -20.00
N PRO C 89 -36.15 5.70 -20.32
CA PRO C 89 -35.95 6.17 -21.69
C PRO C 89 -36.09 5.06 -22.72
N ASN C 90 -36.54 5.46 -23.92
CA ASN C 90 -36.74 4.49 -25.01
C ASN C 90 -35.45 3.79 -25.39
N GLU C 91 -34.32 4.48 -25.31
CA GLU C 91 -33.04 3.89 -25.64
C GLU C 91 -32.52 2.97 -24.54
N CYS C 92 -33.25 2.85 -23.43
CA CYS C 92 -32.89 1.97 -22.32
C CYS C 92 -33.85 0.79 -22.19
N LYS C 93 -34.65 0.52 -23.24
CA LYS C 93 -35.65 -0.54 -23.13
C LYS C 93 -35.01 -1.91 -22.88
N GLN C 94 -33.91 -2.20 -23.55
CA GLN C 94 -33.27 -3.51 -23.48
C GLN C 94 -31.81 -3.40 -23.01
N VAL C 95 -31.54 -2.46 -22.11
CA VAL C 95 -30.22 -2.30 -21.52
C VAL C 95 -30.34 -2.62 -20.03
N THR C 96 -29.79 -3.76 -19.63
CA THR C 96 -29.79 -4.20 -18.25
C THR C 96 -28.40 -4.03 -17.66
N CYS C 97 -28.31 -3.38 -16.50
CA CYS C 97 -27.03 -3.08 -15.87
C CYS C 97 -26.77 -3.86 -14.60
N GLY C 98 -27.77 -4.55 -14.06
CA GLY C 98 -27.61 -5.31 -12.83
C GLY C 98 -27.50 -4.41 -11.62
N ASN C 99 -26.27 -4.15 -11.20
CA ASN C 99 -26.00 -3.29 -10.04
C ASN C 99 -25.97 -1.82 -10.44
N GLY C 100 -26.99 -1.39 -11.17
CA GLY C 100 -27.07 -0.01 -11.61
C GLY C 100 -28.30 0.22 -12.44
N LYS C 101 -28.33 1.38 -13.10
CA LYS C 101 -29.45 1.78 -13.95
C LYS C 101 -28.92 2.28 -15.29
N CYS C 102 -29.80 2.29 -16.28
CA CYS C 102 -29.46 2.76 -17.62
C CYS C 102 -29.81 4.24 -17.74
N ILE C 103 -28.87 5.03 -18.24
CA ILE C 103 -29.05 6.45 -18.47
C ILE C 103 -28.66 6.76 -19.90
N LEU C 104 -28.95 7.99 -20.32
CA LEU C 104 -28.59 8.45 -21.66
C LEU C 104 -27.20 9.06 -21.64
N ASP C 105 -26.39 8.69 -22.63
CA ASP C 105 -25.04 9.23 -22.76
C ASP C 105 -25.13 10.71 -23.09
N THR C 106 -24.90 11.55 -22.07
CA THR C 106 -25.00 12.99 -22.27
C THR C 106 -23.90 13.53 -23.18
N SER C 107 -22.81 12.80 -23.34
CA SER C 107 -21.71 13.20 -24.22
C SER C 107 -21.81 12.57 -25.60
N ASN C 108 -23.02 12.49 -26.15
CA ASN C 108 -23.25 11.89 -27.45
C ASN C 108 -24.52 12.49 -28.06
N PRO C 109 -24.42 13.18 -29.20
CA PRO C 109 -25.61 13.80 -29.78
C PRO C 109 -26.70 12.79 -30.15
N VAL C 110 -26.34 11.55 -30.43
CA VAL C 110 -27.31 10.50 -30.70
C VAL C 110 -27.68 9.85 -29.37
N LYS C 111 -28.98 9.67 -29.14
CA LYS C 111 -29.44 9.05 -27.90
C LYS C 111 -28.93 7.62 -27.80
N THR C 112 -28.16 7.34 -26.76
CA THR C 112 -27.59 6.02 -26.53
C THR C 112 -27.65 5.69 -25.05
N GLY C 113 -28.06 4.46 -24.73
CA GLY C 113 -28.17 4.04 -23.35
C GLY C 113 -26.85 3.50 -22.82
N VAL C 114 -26.44 4.00 -21.65
CA VAL C 114 -25.24 3.55 -20.97
C VAL C 114 -25.60 3.20 -19.53
N CYS C 115 -24.69 2.51 -18.86
CA CYS C 115 -24.92 2.00 -17.52
C CYS C 115 -24.23 2.87 -16.49
N SER C 116 -25.02 3.47 -15.59
CA SER C 116 -24.50 4.13 -14.41
C SER C 116 -24.71 3.20 -13.21
N CYS C 117 -23.68 3.05 -12.39
CA CYS C 117 -23.61 1.99 -11.40
C CYS C 117 -23.80 2.52 -9.99
N ASN C 118 -24.13 1.59 -9.09
CA ASN C 118 -24.20 1.89 -7.68
C ASN C 118 -22.81 2.24 -7.14
N ILE C 119 -22.80 2.91 -5.98
CA ILE C 119 -21.54 3.29 -5.37
C ILE C 119 -20.78 2.03 -4.97
N GLY C 120 -19.52 1.94 -5.39
CA GLY C 120 -18.73 0.74 -5.22
C GLY C 120 -18.65 -0.15 -6.44
N LYS C 121 -19.37 0.19 -7.51
CA LYS C 121 -19.37 -0.58 -8.73
C LYS C 121 -19.11 0.34 -9.92
N VAL C 122 -18.41 -0.19 -10.92
CA VAL C 122 -18.11 0.55 -12.15
C VAL C 122 -18.43 -0.35 -13.34
N PRO C 123 -18.67 0.24 -14.51
CA PRO C 123 -18.96 -0.59 -15.69
C PRO C 123 -17.82 -1.54 -16.01
N ASN C 124 -18.16 -2.83 -16.12
CA ASN C 124 -17.19 -3.87 -16.40
C ASN C 124 -17.10 -4.08 -17.92
N VAL C 125 -15.96 -3.74 -18.50
CA VAL C 125 -15.79 -3.82 -19.95
C VAL C 125 -15.91 -5.26 -20.44
N GLN C 126 -15.62 -6.23 -19.56
CA GLN C 126 -15.73 -7.64 -19.92
C GLN C 126 -17.16 -8.18 -19.81
N ASP C 127 -18.10 -7.37 -19.34
CA ASP C 127 -19.49 -7.80 -19.17
C ASP C 127 -20.43 -6.78 -19.82
N GLN C 128 -20.15 -6.44 -21.08
CA GLN C 128 -21.00 -5.55 -21.86
C GLN C 128 -21.23 -4.21 -21.16
N ASN C 129 -20.21 -3.74 -20.44
CA ASN C 129 -20.24 -2.51 -19.66
C ASN C 129 -21.33 -2.52 -18.59
N LYS C 130 -21.75 -3.70 -18.14
CA LYS C 130 -22.68 -3.76 -17.03
C LYS C 130 -21.95 -3.44 -15.73
N CYS C 131 -22.73 -3.33 -14.65
CA CYS C 131 -22.19 -2.96 -13.34
C CYS C 131 -21.82 -4.22 -12.57
N SER C 132 -20.68 -4.81 -12.95
CA SER C 132 -20.23 -6.06 -12.35
C SER C 132 -18.74 -6.02 -12.03
N LYS C 133 -18.20 -4.84 -11.77
CA LYS C 133 -16.78 -4.68 -11.42
C LYS C 133 -16.66 -3.77 -10.21
N ASP C 134 -15.87 -4.19 -9.23
CA ASP C 134 -15.63 -3.36 -8.06
C ASP C 134 -14.86 -2.10 -8.45
N GLY C 135 -15.23 -0.98 -7.85
CA GLY C 135 -14.59 0.29 -8.14
C GLY C 135 -15.22 1.45 -7.41
N GLU C 136 -14.42 2.18 -6.64
CA GLU C 136 -14.94 3.32 -5.89
C GLU C 136 -15.25 4.49 -6.81
N THR C 137 -16.20 5.31 -6.38
CA THR C 137 -16.56 6.54 -7.08
C THR C 137 -16.55 7.67 -6.07
N LYS C 138 -15.66 8.65 -6.27
CA LYS C 138 -15.55 9.75 -5.34
C LYS C 138 -16.82 10.59 -5.33
N CYS C 139 -17.27 10.95 -4.13
CA CYS C 139 -18.47 11.78 -4.00
C CYS C 139 -18.13 13.23 -4.29
N SER C 140 -18.98 13.89 -5.09
CA SER C 140 -18.80 15.29 -5.43
C SER C 140 -19.99 16.14 -5.00
N LEU C 141 -20.91 15.59 -4.19
CA LEU C 141 -22.05 16.35 -3.72
C LEU C 141 -21.61 17.43 -2.74
N LYS C 142 -22.23 18.60 -2.84
CA LYS C 142 -21.96 19.71 -1.94
C LYS C 142 -22.98 19.66 -0.81
N CYS C 143 -22.57 19.08 0.33
CA CYS C 143 -23.43 18.98 1.51
C CYS C 143 -22.99 20.07 2.48
N LEU C 144 -23.62 21.24 2.36
CA LEU C 144 -23.22 22.43 3.11
C LEU C 144 -24.10 22.69 4.32
N LYS C 145 -25.13 21.89 4.55
CA LYS C 145 -26.01 22.11 5.69
C LYS C 145 -25.28 21.85 7.01
N GLU C 146 -25.94 22.24 8.10
CA GLU C 146 -25.39 22.04 9.43
C GLU C 146 -25.25 20.55 9.73
N GLN C 147 -24.00 20.08 9.82
CA GLN C 147 -23.69 18.68 10.09
C GLN C 147 -24.31 17.75 9.05
N GLU C 148 -24.10 18.09 7.78
CA GLU C 148 -24.47 17.25 6.65
C GLU C 148 -23.23 16.96 5.82
N THR C 149 -22.94 15.68 5.62
CA THR C 149 -21.83 15.25 4.79
C THR C 149 -22.30 14.12 3.88
N CYS C 150 -21.54 13.88 2.81
CA CYS C 150 -21.91 12.88 1.84
C CYS C 150 -21.86 11.49 2.46
N LYS C 151 -22.95 10.74 2.33
CA LYS C 151 -23.07 9.40 2.89
C LYS C 151 -23.64 8.46 1.84
N ALA C 152 -23.13 7.23 1.81
CA ALA C 152 -23.59 6.22 0.86
C ALA C 152 -24.75 5.47 1.49
N VAL C 153 -25.95 5.65 0.95
CA VAL C 153 -27.17 5.03 1.47
C VAL C 153 -27.90 4.37 0.30
N ASP C 154 -28.12 3.05 0.41
CA ASP C 154 -28.89 2.29 -0.57
C ASP C 154 -28.30 2.41 -1.97
N GLY C 155 -27.00 2.16 -2.07
CA GLY C 155 -26.32 2.11 -3.35
C GLY C 155 -26.12 3.45 -4.04
N ILE C 156 -26.47 4.57 -3.40
CA ILE C 156 -26.30 5.89 -3.99
C ILE C 156 -25.66 6.81 -2.96
N TYR C 157 -25.21 7.96 -3.45
CA TYR C 157 -24.69 9.03 -2.59
C TYR C 157 -25.79 10.04 -2.32
N LYS C 158 -25.79 10.59 -1.11
CA LYS C 158 -26.78 11.60 -0.74
C LYS C 158 -26.25 12.39 0.45
N CYS C 159 -26.70 13.64 0.56
CA CYS C 159 -26.38 14.46 1.71
C CYS C 159 -27.24 14.01 2.88
N ASP C 160 -26.61 13.41 3.89
CA ASP C 160 -27.32 12.87 5.05
C ASP C 160 -26.68 13.43 6.31
N CYS C 161 -27.27 13.07 7.46
CA CYS C 161 -26.74 13.53 8.73
C CYS C 161 -25.39 12.90 9.01
N LYS C 162 -24.53 13.65 9.69
CA LYS C 162 -23.25 13.10 10.13
C LYS C 162 -23.48 12.00 11.15
N ASP C 163 -22.57 11.04 11.20
CA ASP C 163 -22.74 9.86 12.04
C ASP C 163 -22.89 10.27 13.50
N GLY C 164 -24.04 9.96 14.07
CA GLY C 164 -24.36 10.34 15.43
C GLY C 164 -25.44 11.38 15.58
N PHE C 165 -26.16 11.72 14.51
CA PHE C 165 -27.21 12.72 14.55
C PHE C 165 -28.40 12.25 13.74
N ILE C 166 -29.60 12.69 14.16
CA ILE C 166 -30.84 12.29 13.53
C ILE C 166 -31.73 13.52 13.36
N ILE C 167 -32.69 13.41 12.45
CA ILE C 167 -33.63 14.51 12.18
C ILE C 167 -34.76 14.50 13.20
N SER C 172 -36.24 18.03 13.39
CA SER C 172 -36.35 18.90 12.22
C SER C 172 -35.17 18.69 11.28
N ILE C 173 -33.97 18.95 11.77
CA ILE C 173 -32.74 18.79 11.01
C ILE C 173 -31.80 17.87 11.78
N CYS C 174 -30.60 17.72 11.24
CA CYS C 174 -29.64 16.76 11.79
C CYS C 174 -29.09 17.26 13.12
N THR C 175 -29.32 16.50 14.18
CA THR C 175 -28.75 16.80 15.50
C THR C 175 -28.85 15.58 16.41
#